data_3BOQ
#
_entry.id   3BOQ
#
_cell.length_a   110.567
_cell.length_b   110.567
_cell.length_c   68.951
_cell.angle_alpha   90.00
_cell.angle_beta   90.00
_cell.angle_gamma   120.00
#
_symmetry.space_group_name_H-M   'P 61'
#
loop_
_entity.id
_entity.type
_entity.pdbx_description
1 polymer 'Transcriptional regulator, MarR family'
2 water water
#
_entity_poly.entity_id   1
_entity_poly.type   'polypeptide(L)'
_entity_poly.pdbx_seq_one_letter_code
;SNA(MSE)GEAATKSDRQQNQTRLWLNILRLHGLVFGDLNRQLLDETGLSLAKFDA(MSE)AQLARNPDGLS(MSE)GKL
SGALKVTNGNVSGLVNRLIKDG(MSE)VVKA(MSE)SADDRRSFSAKLTDAGLTTFKQASEAHNRILAELLRAVSDQD
(MSE)VEASAALRGILES(MSE)QTGASLD
;
_entity_poly.pdbx_strand_id   A,B
#
# COMPACT_ATOMS: atom_id res chain seq x y z
N LYS A 10 -18.92 11.35 -8.78
CA LYS A 10 -20.36 11.78 -8.92
C LYS A 10 -21.28 10.60 -9.25
N SER A 11 -20.98 9.87 -10.32
CA SER A 11 -21.81 8.70 -10.66
C SER A 11 -21.66 7.64 -9.60
N ASP A 12 -22.62 6.72 -9.58
CA ASP A 12 -22.61 5.58 -8.66
C ASP A 12 -21.34 4.75 -8.75
N ARG A 13 -20.95 4.38 -9.98
CA ARG A 13 -19.73 3.61 -10.25
C ARG A 13 -18.48 4.35 -9.74
N GLN A 14 -18.42 5.67 -9.97
CA GLN A 14 -17.28 6.47 -9.50
C GLN A 14 -17.19 6.50 -7.97
N GLN A 15 -18.32 6.65 -7.29
CA GLN A 15 -18.35 6.52 -5.84
C GLN A 15 -17.89 5.15 -5.37
N ASN A 16 -18.35 4.07 -6.01
CA ASN A 16 -17.89 2.74 -5.62
C ASN A 16 -16.38 2.55 -5.80
N GLN A 17 -15.77 3.22 -6.78
CA GLN A 17 -14.32 3.06 -7.05
C GLN A 17 -13.53 3.82 -5.99
N THR A 18 -13.98 5.04 -5.70
CA THR A 18 -13.41 5.83 -4.61
C THR A 18 -13.53 5.11 -3.27
N ARG A 19 -14.70 4.56 -2.99
CA ARG A 19 -14.96 3.86 -1.75
C ARG A 19 -14.01 2.63 -1.64
N LEU A 20 -13.83 1.93 -2.74
CA LEU A 20 -13.02 0.71 -2.76
C LEU A 20 -11.56 1.08 -2.51
N TRP A 21 -11.09 2.06 -3.25
CA TRP A 21 -9.71 2.47 -3.13
C TRP A 21 -9.36 3.06 -1.75
N LEU A 22 -10.21 3.94 -1.20
CA LEU A 22 -9.99 4.41 0.17
C LEU A 22 -9.98 3.26 1.19
N ASN A 23 -10.87 2.26 1.02
CA ASN A 23 -10.89 1.07 1.89
C ASN A 23 -9.60 0.27 1.81
N ILE A 24 -9.09 0.06 0.60
CA ILE A 24 -7.83 -0.64 0.40
C ILE A 24 -6.73 0.11 1.10
N LEU A 25 -6.60 1.41 0.84
CA LEU A 25 -5.59 2.23 1.48
C LEU A 25 -5.66 2.16 2.98
N ARG A 26 -6.87 2.22 3.52
CA ARG A 26 -7.08 2.23 4.95
C ARG A 26 -6.72 0.91 5.63
N LEU A 27 -7.16 -0.22 5.09
CA LEU A 27 -6.78 -1.53 5.64
C LEU A 27 -5.26 -1.82 5.47
N HIS A 28 -4.69 -1.47 4.33
CA HIS A 28 -3.24 -1.56 4.11
C HIS A 28 -2.48 -0.68 5.13
N GLY A 29 -2.98 0.52 5.38
CA GLY A 29 -2.36 1.38 6.38
C GLY A 29 -2.44 0.81 7.77
N LEU A 30 -3.61 0.29 8.14
CA LEU A 30 -3.79 -0.28 9.47
C LEU A 30 -2.88 -1.50 9.70
N VAL A 31 -2.61 -2.28 8.66
CA VAL A 31 -1.92 -3.54 8.85
C VAL A 31 -0.42 -3.30 8.73
N PHE A 32 -0.04 -2.49 7.73
CA PHE A 32 1.35 -2.37 7.31
C PHE A 32 2.29 -1.88 8.43
N GLY A 33 2.01 -0.68 8.95
CA GLY A 33 2.79 -0.10 10.03
C GLY A 33 3.14 -1.05 11.16
N ASP A 34 2.11 -1.66 11.76
CA ASP A 34 2.29 -2.51 12.92
C ASP A 34 2.98 -3.83 12.58
N LEU A 35 2.57 -4.48 11.49
CA LEU A 35 3.22 -5.69 11.01
C LEU A 35 4.71 -5.45 10.71
N ASN A 36 5.03 -4.31 10.13
CA ASN A 36 6.42 -4.00 9.83
C ASN A 36 7.20 -3.80 11.10
N ARG A 37 6.74 -2.85 11.92
CA ARG A 37 7.32 -2.53 13.24
C ARG A 37 7.59 -3.79 14.09
N GLN A 38 6.59 -4.66 14.21
CA GLN A 38 6.69 -5.86 15.01
C GLN A 38 7.59 -6.90 14.41
N LEU A 39 7.55 -7.05 13.10
CA LEU A 39 8.41 -8.00 12.38
C LEU A 39 9.88 -7.60 12.52
N LEU A 40 10.15 -6.30 12.41
CA LEU A 40 11.47 -5.78 12.73
C LEU A 40 11.97 -6.16 14.14
N ASP A 41 11.16 -5.91 15.16
N ASP A 41 11.14 -5.89 15.15
CA ASP A 41 11.61 -6.17 16.53
CA ASP A 41 11.48 -6.17 16.56
C ASP A 41 11.86 -7.66 16.83
C ASP A 41 11.87 -7.64 16.78
N GLU A 42 11.11 -8.55 16.18
CA GLU A 42 11.26 -9.99 16.45
C GLU A 42 12.34 -10.68 15.61
N THR A 43 12.61 -10.16 14.41
CA THR A 43 13.45 -10.88 13.46
C THR A 43 14.58 -10.05 12.87
N GLY A 44 14.53 -8.73 13.05
CA GLY A 44 15.45 -7.84 12.34
C GLY A 44 15.07 -7.57 10.88
N LEU A 45 14.00 -8.17 10.40
CA LEU A 45 13.53 -7.97 9.03
C LEU A 45 12.35 -7.02 8.92
N SER A 46 12.39 -6.15 7.92
CA SER A 46 11.27 -5.33 7.52
C SER A 46 10.39 -6.16 6.60
N LEU A 47 9.17 -5.67 6.38
CA LEU A 47 8.26 -6.27 5.41
C LEU A 47 8.84 -6.29 4.03
N ALA A 48 9.52 -5.22 3.62
CA ALA A 48 10.07 -5.14 2.29
C ALA A 48 11.12 -6.23 2.14
N LYS A 49 12.02 -6.33 3.10
CA LYS A 49 12.97 -7.44 3.13
C LYS A 49 12.32 -8.81 3.11
N PHE A 50 11.39 -9.05 4.03
CA PHE A 50 10.68 -10.33 4.10
C PHE A 50 9.97 -10.73 2.79
N ASP A 51 9.29 -9.74 2.16
CA ASP A 51 8.61 -9.88 0.88
C ASP A 51 9.58 -10.28 -0.25
N ALA A 52 10.75 -9.64 -0.31
CA ALA A 52 11.74 -10.00 -1.34
C ALA A 52 12.26 -11.43 -1.12
N MSE A 53 12.62 -11.75 0.12
CA MSE A 53 13.07 -13.09 0.45
C MSE A 53 12.02 -14.19 0.17
O MSE A 53 12.39 -15.32 -0.12
CB MSE A 53 13.50 -13.16 1.91
CG MSE A 53 14.72 -12.35 2.19
SE MSE A 53 15.00 -12.09 4.12
CE MSE A 53 15.13 -13.96 4.73
N ALA A 54 10.73 -13.85 0.26
CA ALA A 54 9.64 -14.77 -0.07
C ALA A 54 9.63 -15.16 -1.55
N GLN A 55 9.89 -14.17 -2.41
CA GLN A 55 9.87 -14.38 -3.86
C GLN A 55 11.06 -15.25 -4.21
N LEU A 56 12.18 -14.96 -3.56
CA LEU A 56 13.42 -15.71 -3.74
C LEU A 56 13.33 -17.11 -3.18
N ALA A 57 12.56 -17.28 -2.10
CA ALA A 57 12.34 -18.59 -1.47
C ALA A 57 11.66 -19.52 -2.45
N ARG A 58 10.65 -18.99 -3.15
CA ARG A 58 9.87 -19.67 -4.17
C ARG A 58 10.73 -20.07 -5.37
N ASN A 59 11.75 -19.28 -5.67
CA ASN A 59 12.65 -19.55 -6.80
C ASN A 59 14.11 -19.77 -6.35
N PRO A 60 14.42 -20.99 -5.87
CA PRO A 60 15.71 -21.33 -5.27
C PRO A 60 16.97 -21.04 -6.11
N ASP A 61 16.84 -21.01 -7.44
CA ASP A 61 17.99 -20.70 -8.32
C ASP A 61 18.22 -19.21 -8.47
N GLY A 62 17.31 -18.40 -7.93
CA GLY A 62 17.40 -16.95 -8.05
C GLY A 62 16.48 -16.31 -9.08
N LEU A 63 16.48 -14.98 -9.06
CA LEU A 63 15.70 -14.15 -9.97
C LEU A 63 16.51 -12.95 -10.43
N SER A 64 16.39 -12.60 -11.71
CA SER A 64 16.84 -11.30 -12.20
C SER A 64 16.21 -10.14 -11.41
N MSE A 65 16.76 -8.94 -11.58
CA MSE A 65 16.24 -7.75 -10.91
C MSE A 65 14.85 -7.37 -11.40
O MSE A 65 14.03 -6.88 -10.62
CB MSE A 65 17.19 -6.55 -11.08
CG MSE A 65 18.52 -6.64 -10.33
SE MSE A 65 18.28 -6.71 -8.38
CE MSE A 65 18.32 -8.67 -8.07
N GLY A 66 14.58 -7.60 -12.69
CA GLY A 66 13.29 -7.27 -13.30
C GLY A 66 12.19 -8.23 -12.87
N LYS A 67 12.54 -9.52 -12.84
CA LYS A 67 11.63 -10.54 -12.35
C LYS A 67 11.35 -10.43 -10.85
N LEU A 68 12.37 -10.16 -10.05
CA LEU A 68 12.19 -9.93 -8.62
C LEU A 68 11.28 -8.73 -8.43
N SER A 69 11.62 -7.62 -9.08
CA SER A 69 10.84 -6.39 -9.04
C SER A 69 9.35 -6.62 -9.35
N GLY A 70 9.09 -7.38 -10.42
CA GLY A 70 7.74 -7.75 -10.83
C GLY A 70 7.05 -8.75 -9.91
N ALA A 71 7.79 -9.40 -9.02
CA ALA A 71 7.23 -10.37 -8.08
C ALA A 71 6.95 -9.83 -6.66
N LEU A 72 7.63 -8.74 -6.29
CA LEU A 72 7.47 -8.10 -4.98
C LEU A 72 6.02 -7.65 -4.79
N LYS A 73 5.45 -7.99 -3.63
CA LYS A 73 4.10 -7.58 -3.33
C LYS A 73 4.13 -6.25 -2.61
N VAL A 74 5.21 -5.98 -1.88
CA VAL A 74 5.38 -4.67 -1.27
C VAL A 74 5.86 -3.73 -2.36
N THR A 75 5.14 -2.63 -2.51
CA THR A 75 5.38 -1.65 -3.55
C THR A 75 6.80 -1.08 -3.34
N ASN A 76 7.69 -1.34 -4.30
CA ASN A 76 9.07 -0.85 -4.20
C ASN A 76 9.44 0.27 -5.15
N GLY A 77 10.23 1.21 -4.66
CA GLY A 77 10.78 2.24 -5.53
C GLY A 77 12.25 1.98 -5.85
N ASN A 78 12.79 0.85 -5.36
CA ASN A 78 14.25 0.65 -5.39
C ASN A 78 14.72 -0.79 -5.12
N VAL A 79 14.57 -1.67 -6.11
CA VAL A 79 14.86 -3.10 -5.91
C VAL A 79 16.36 -3.43 -5.75
N SER A 80 17.24 -2.70 -6.44
CA SER A 80 18.70 -2.84 -6.29
C SER A 80 19.17 -2.50 -4.88
N GLY A 81 18.68 -1.37 -4.34
CA GLY A 81 18.99 -0.95 -2.96
C GLY A 81 18.53 -1.98 -1.92
N LEU A 82 17.32 -2.48 -2.11
CA LEU A 82 16.79 -3.55 -1.27
C LEU A 82 17.65 -4.83 -1.35
N VAL A 83 17.95 -5.29 -2.55
CA VAL A 83 18.74 -6.48 -2.71
C VAL A 83 20.13 -6.26 -2.05
N ASN A 84 20.69 -5.09 -2.28
CA ASN A 84 21.95 -4.70 -1.70
C ASN A 84 22.01 -4.76 -0.18
N ARG A 85 20.94 -4.31 0.47
CA ARG A 85 20.84 -4.42 1.92
C ARG A 85 20.75 -5.89 2.36
N LEU A 86 20.04 -6.72 1.59
CA LEU A 86 19.93 -8.15 1.92
C LEU A 86 21.28 -8.85 1.74
N ILE A 87 22.13 -8.31 0.86
CA ILE A 87 23.46 -8.89 0.64
C ILE A 87 24.45 -8.57 1.78
N LYS A 88 24.42 -7.34 2.29
CA LYS A 88 25.11 -6.96 3.53
C LYS A 88 24.65 -7.79 4.73
N ASP A 89 23.37 -8.09 4.81
CA ASP A 89 22.82 -8.93 5.87
C ASP A 89 23.27 -10.39 5.76
N GLY A 90 23.55 -10.86 4.54
CA GLY A 90 23.98 -12.24 4.32
C GLY A 90 22.80 -13.13 4.02
N MSE A 91 21.66 -12.50 3.75
CA MSE A 91 20.41 -13.20 3.45
C MSE A 91 20.41 -13.65 1.98
O MSE A 91 19.88 -14.72 1.65
CB MSE A 91 19.24 -12.28 3.71
CG MSE A 91 19.10 -11.82 5.16
SE MSE A 91 18.67 -13.24 6.48
CE MSE A 91 18.41 -12.05 8.06
N VAL A 92 21.04 -12.83 1.13
CA VAL A 92 20.98 -12.98 -0.32
C VAL A 92 22.40 -12.87 -0.88
N VAL A 93 22.69 -13.64 -1.93
CA VAL A 93 23.95 -13.49 -2.70
C VAL A 93 23.65 -13.12 -4.15
N LYS A 94 24.57 -12.42 -4.80
CA LYS A 94 24.55 -12.20 -6.23
C LYS A 94 24.81 -13.55 -6.91
N ALA A 95 23.89 -13.96 -7.79
CA ALA A 95 23.91 -15.29 -8.38
C ALA A 95 24.82 -15.39 -9.61
N PHE A 104 22.16 -8.18 -13.53
CA PHE A 104 22.53 -9.01 -12.39
C PHE A 104 21.29 -9.72 -11.78
N SER A 105 21.54 -10.74 -10.95
CA SER A 105 20.46 -11.55 -10.36
C SER A 105 20.79 -12.05 -8.95
N ALA A 106 19.76 -12.23 -8.11
CA ALA A 106 19.94 -12.56 -6.67
C ALA A 106 19.36 -13.92 -6.24
N LYS A 107 19.97 -14.48 -5.20
CA LYS A 107 19.70 -15.84 -4.71
C LYS A 107 19.62 -15.82 -3.17
N LEU A 108 18.68 -16.55 -2.58
CA LEU A 108 18.69 -16.74 -1.12
C LEU A 108 19.88 -17.62 -0.64
N THR A 109 20.46 -17.26 0.51
CA THR A 109 21.55 -18.03 1.13
C THR A 109 20.97 -19.11 2.08
N ASP A 110 21.82 -19.98 2.64
CA ASP A 110 21.36 -20.93 3.66
C ASP A 110 20.83 -20.20 4.88
N ALA A 111 21.54 -19.14 5.30
CA ALA A 111 21.12 -18.30 6.41
C ALA A 111 19.80 -17.59 6.07
N GLY A 112 19.68 -17.15 4.82
CA GLY A 112 18.53 -16.41 4.37
C GLY A 112 17.31 -17.29 4.39
N LEU A 113 17.49 -18.57 4.07
CA LEU A 113 16.39 -19.53 4.04
C LEU A 113 16.00 -20.00 5.45
N THR A 114 16.98 -20.11 6.35
CA THR A 114 16.70 -20.42 7.76
C THR A 114 15.93 -19.25 8.40
N THR A 115 16.46 -18.05 8.21
CA THR A 115 15.80 -16.82 8.67
C THR A 115 14.39 -16.65 8.11
N PHE A 116 14.21 -16.85 6.81
CA PHE A 116 12.89 -16.68 6.22
C PHE A 116 11.83 -17.62 6.84
N LYS A 117 12.24 -18.86 7.14
CA LYS A 117 11.37 -19.84 7.78
C LYS A 117 10.92 -19.46 9.20
N GLN A 118 11.87 -19.07 10.05
CA GLN A 118 11.53 -18.50 11.36
C GLN A 118 10.68 -17.27 11.19
N ALA A 119 11.04 -16.43 10.22
CA ALA A 119 10.37 -15.15 10.04
C ALA A 119 8.91 -15.25 9.53
N SER A 120 8.58 -16.31 8.81
CA SER A 120 7.19 -16.56 8.42
C SER A 120 6.29 -16.83 9.61
N GLU A 121 6.71 -17.72 10.51
CA GLU A 121 5.99 -17.96 11.76
C GLU A 121 5.66 -16.65 12.49
N ALA A 122 6.64 -15.74 12.57
CA ALA A 122 6.50 -14.50 13.31
C ALA A 122 5.50 -13.61 12.60
N HIS A 123 5.63 -13.60 11.29
CA HIS A 123 4.87 -12.79 10.39
C HIS A 123 3.39 -13.16 10.52
N ASN A 124 3.15 -14.47 10.44
CA ASN A 124 1.82 -15.05 10.50
C ASN A 124 1.13 -14.88 11.86
N ARG A 125 1.90 -15.03 12.91
CA ARG A 125 1.40 -14.82 14.25
C ARG A 125 1.07 -13.33 14.45
N ILE A 126 1.94 -12.42 13.99
CA ILE A 126 1.68 -10.98 14.14
C ILE A 126 0.47 -10.54 13.31
N LEU A 127 0.35 -11.07 12.09
CA LEU A 127 -0.81 -10.78 11.24
C LEU A 127 -2.13 -11.32 11.88
N ALA A 128 -2.09 -12.59 12.31
CA ALA A 128 -3.12 -13.18 13.20
C ALA A 128 -3.53 -12.25 14.35
N GLU A 129 -2.58 -11.66 15.08
CA GLU A 129 -2.95 -10.73 16.16
C GLU A 129 -3.62 -9.46 15.65
N LEU A 130 -3.11 -8.88 14.57
CA LEU A 130 -3.77 -7.67 14.04
C LEU A 130 -5.20 -7.97 13.62
N LEU A 131 -5.42 -9.17 13.08
CA LEU A 131 -6.72 -9.56 12.51
C LEU A 131 -7.57 -10.38 13.49
N ARG A 132 -7.22 -10.32 14.78
CA ARG A 132 -7.82 -11.18 15.82
C ARG A 132 -9.32 -11.04 15.98
N ALA A 133 -9.86 -9.86 15.65
CA ALA A 133 -11.29 -9.57 15.83
C ALA A 133 -12.09 -9.76 14.54
N VAL A 134 -11.40 -10.10 13.47
CA VAL A 134 -11.93 -10.14 12.13
C VAL A 134 -12.50 -11.56 11.83
N SER A 135 -13.76 -11.59 11.41
CA SER A 135 -14.45 -12.84 11.10
C SER A 135 -13.94 -13.48 9.83
N ASP A 136 -13.91 -14.80 9.84
CA ASP A 136 -13.55 -15.63 8.70
C ASP A 136 -14.40 -15.26 7.51
N GLN A 137 -15.70 -15.07 7.72
CA GLN A 137 -16.59 -14.74 6.63
C GLN A 137 -16.19 -13.48 5.90
N ASP A 138 -15.92 -12.38 6.61
CA ASP A 138 -15.48 -11.09 6.00
C ASP A 138 -14.20 -11.24 5.17
N MSE A 139 -13.28 -12.05 5.67
CA MSE A 139 -12.02 -12.35 5.01
C MSE A 139 -12.20 -13.20 3.77
O MSE A 139 -11.58 -12.92 2.77
CB MSE A 139 -11.04 -13.07 5.94
CG MSE A 139 -10.63 -12.24 7.06
SE MSE A 139 -9.09 -12.94 7.95
CE MSE A 139 -9.68 -14.72 8.58
N VAL A 140 -13.03 -14.25 3.86
CA VAL A 140 -13.36 -15.09 2.72
C VAL A 140 -14.02 -14.27 1.59
N GLU A 141 -14.99 -13.41 1.94
CA GLU A 141 -15.69 -12.60 0.94
C GLU A 141 -14.84 -11.47 0.34
N ALA A 142 -14.04 -10.77 1.15
CA ALA A 142 -13.09 -9.77 0.63
C ALA A 142 -12.14 -10.43 -0.38
N SER A 143 -11.61 -11.57 -0.02
CA SER A 143 -10.55 -12.13 -0.79
C SER A 143 -11.14 -12.66 -2.11
N ALA A 144 -12.36 -13.19 -2.05
CA ALA A 144 -13.01 -13.70 -3.25
C ALA A 144 -13.33 -12.53 -4.21
N ALA A 145 -13.79 -11.42 -3.66
CA ALA A 145 -14.10 -10.25 -4.46
C ALA A 145 -12.80 -9.66 -4.99
N LEU A 146 -11.73 -9.67 -4.17
CA LEU A 146 -10.47 -9.07 -4.60
C LEU A 146 -9.79 -9.86 -5.71
N ARG A 147 -9.85 -11.19 -5.65
CA ARG A 147 -9.46 -12.06 -6.78
C ARG A 147 -10.27 -11.80 -8.07
N GLY A 148 -11.60 -11.60 -7.96
CA GLY A 148 -12.43 -11.23 -9.10
C GLY A 148 -11.88 -10.01 -9.79
N ILE A 149 -11.58 -8.99 -8.99
CA ILE A 149 -11.10 -7.66 -9.42
C ILE A 149 -9.76 -7.82 -10.12
N LEU A 150 -8.88 -8.58 -9.50
CA LEU A 150 -7.53 -8.72 -9.98
C LEU A 150 -7.48 -9.48 -11.28
N GLU A 151 -8.31 -10.52 -11.43
N GLU A 151 -8.33 -10.49 -11.44
CA GLU A 151 -8.44 -11.26 -12.68
CA GLU A 151 -8.40 -11.25 -12.67
C GLU A 151 -8.97 -10.32 -13.76
C GLU A 151 -9.08 -10.43 -13.79
N SER A 152 -9.98 -9.52 -13.42
CA SER A 152 -10.56 -8.59 -14.40
C SER A 152 -9.51 -7.69 -15.00
N MSE A 153 -8.62 -7.17 -14.16
CA MSE A 153 -7.64 -6.16 -14.58
C MSE A 153 -6.57 -6.61 -15.60
O MSE A 153 -5.98 -7.68 -15.45
CB MSE A 153 -6.98 -5.55 -13.35
CG MSE A 153 -7.96 -4.76 -12.56
SE MSE A 153 -7.19 -4.01 -10.93
CE MSE A 153 -6.10 -2.55 -11.69
N LYS B 10 -1.07 -25.28 8.53
CA LYS B 10 -1.87 -24.02 8.47
C LYS B 10 -3.38 -24.35 8.48
N SER B 11 -4.12 -23.67 9.37
CA SER B 11 -5.57 -23.82 9.46
C SER B 11 -6.26 -23.06 8.32
N ASP B 12 -7.57 -23.30 8.11
CA ASP B 12 -8.37 -22.46 7.19
C ASP B 12 -8.16 -21.03 7.54
N ARG B 13 -8.24 -20.69 8.84
CA ARG B 13 -8.12 -19.31 9.28
C ARG B 13 -6.76 -18.67 8.96
N GLN B 14 -5.65 -19.35 9.26
N GLN B 14 -5.68 -19.39 9.27
CA GLN B 14 -4.34 -18.80 8.90
CA GLN B 14 -4.30 -18.97 8.94
C GLN B 14 -4.23 -18.64 7.38
C GLN B 14 -4.13 -18.73 7.44
N GLN B 15 -4.58 -19.68 6.63
CA GLN B 15 -4.62 -19.60 5.15
C GLN B 15 -5.52 -18.46 4.68
N ASN B 16 -6.69 -18.30 5.28
CA ASN B 16 -7.56 -17.17 4.92
C ASN B 16 -6.87 -15.81 5.06
N GLN B 17 -6.13 -15.66 6.16
CA GLN B 17 -5.41 -14.43 6.50
C GLN B 17 -4.24 -14.17 5.54
N THR B 18 -3.36 -15.17 5.37
CA THR B 18 -2.32 -15.10 4.34
C THR B 18 -2.89 -14.65 2.99
N ARG B 19 -3.90 -15.35 2.49
CA ARG B 19 -4.49 -15.04 1.19
C ARG B 19 -5.00 -13.62 1.13
N LEU B 20 -5.75 -13.20 2.13
CA LEU B 20 -6.37 -11.88 2.15
C LEU B 20 -5.34 -10.77 2.00
N TRP B 21 -4.31 -10.82 2.83
CA TRP B 21 -3.27 -9.82 2.90
C TRP B 21 -2.44 -9.72 1.60
N LEU B 22 -2.03 -10.89 1.10
CA LEU B 22 -1.44 -10.97 -0.25
C LEU B 22 -2.35 -10.32 -1.32
N ASN B 23 -3.67 -10.56 -1.29
CA ASN B 23 -4.62 -9.92 -2.23
C ASN B 23 -4.70 -8.40 -2.10
N ILE B 24 -4.70 -7.91 -0.86
CA ILE B 24 -4.69 -6.51 -0.63
C ILE B 24 -3.42 -5.89 -1.17
N LEU B 25 -2.30 -6.51 -0.87
CA LEU B 25 -1.01 -6.06 -1.37
C LEU B 25 -0.91 -6.04 -2.90
N ARG B 26 -1.42 -7.09 -3.55
CA ARG B 26 -1.52 -7.15 -5.02
C ARG B 26 -2.36 -6.00 -5.56
N LEU B 27 -3.56 -5.78 -5.05
CA LEU B 27 -4.41 -4.76 -5.64
C LEU B 27 -3.78 -3.40 -5.29
N HIS B 28 -3.40 -3.21 -4.03
CA HIS B 28 -2.79 -1.97 -3.63
C HIS B 28 -1.62 -1.57 -4.54
N GLY B 29 -0.68 -2.50 -4.75
CA GLY B 29 0.47 -2.28 -5.64
C GLY B 29 0.16 -2.02 -7.11
N LEU B 30 -0.80 -2.78 -7.66
CA LEU B 30 -1.21 -2.66 -9.05
C LEU B 30 -1.86 -1.31 -9.31
N VAL B 31 -2.61 -0.81 -8.34
CA VAL B 31 -3.30 0.46 -8.51
C VAL B 31 -2.33 1.60 -8.24
N PHE B 32 -1.56 1.50 -7.16
CA PHE B 32 -0.74 2.59 -6.70
C PHE B 32 0.36 2.99 -7.70
N GLY B 33 1.12 2.02 -8.19
CA GLY B 33 2.19 2.26 -9.14
C GLY B 33 1.76 3.00 -10.41
N ASP B 34 0.56 2.67 -10.90
CA ASP B 34 0.09 3.20 -12.17
C ASP B 34 -0.61 4.51 -12.00
N LEU B 35 -1.45 4.60 -10.97
CA LEU B 35 -2.09 5.82 -10.55
C LEU B 35 -1.04 6.88 -10.33
N ASN B 36 -0.06 6.58 -9.49
CA ASN B 36 1.07 7.48 -9.23
C ASN B 36 1.86 7.95 -10.49
N ARG B 37 2.29 6.99 -11.31
CA ARG B 37 3.06 7.28 -12.52
C ARG B 37 2.24 8.09 -13.53
N GLN B 38 0.96 7.77 -13.73
CA GLN B 38 0.07 8.57 -14.59
C GLN B 38 -0.33 9.95 -14.06
N LEU B 39 -0.56 10.06 -12.77
CA LEU B 39 -0.88 11.35 -12.14
C LEU B 39 0.32 12.31 -12.25
N LEU B 40 1.52 11.74 -12.15
CA LEU B 40 2.76 12.50 -12.30
C LEU B 40 2.92 12.97 -13.76
N ASP B 41 2.80 12.04 -14.69
CA ASP B 41 2.88 12.38 -16.10
C ASP B 41 1.85 13.47 -16.44
N GLU B 42 0.59 13.32 -16.05
CA GLU B 42 -0.43 14.31 -16.43
C GLU B 42 -0.41 15.66 -15.66
N THR B 43 0.18 15.70 -14.48
CA THR B 43 -0.06 16.78 -13.52
C THR B 43 1.24 17.19 -12.79
N GLY B 44 2.26 16.34 -12.80
CA GLY B 44 3.48 16.61 -12.06
C GLY B 44 3.33 16.48 -10.56
N LEU B 45 2.16 15.97 -10.13
CA LEU B 45 1.87 15.60 -8.75
C LEU B 45 1.96 14.09 -8.52
N SER B 46 2.58 13.75 -7.39
CA SER B 46 2.65 12.41 -6.84
C SER B 46 1.32 12.05 -6.23
N LEU B 47 1.07 10.76 -6.09
CA LEU B 47 -0.06 10.34 -5.31
C LEU B 47 0.08 10.82 -3.86
N ALA B 48 1.28 10.68 -3.27
CA ALA B 48 1.54 11.18 -1.90
C ALA B 48 1.18 12.69 -1.79
N LYS B 49 1.60 13.49 -2.77
CA LYS B 49 1.30 14.92 -2.84
C LYS B 49 -0.17 15.24 -3.02
N PHE B 50 -0.79 14.59 -4.01
CA PHE B 50 -2.21 14.69 -4.26
C PHE B 50 -2.97 14.36 -2.97
N ASP B 51 -2.60 13.24 -2.33
CA ASP B 51 -3.20 12.84 -1.08
C ASP B 51 -3.18 13.93 0.02
N ALA B 52 -2.02 14.52 0.31
CA ALA B 52 -1.91 15.65 1.24
C ALA B 52 -2.81 16.83 0.86
N MSE B 53 -2.77 17.22 -0.41
CA MSE B 53 -3.60 18.34 -0.90
C MSE B 53 -5.10 18.14 -0.75
O MSE B 53 -5.85 19.08 -0.51
CB MSE B 53 -3.25 18.66 -2.35
CG MSE B 53 -1.83 19.10 -2.50
SE MSE B 53 -1.24 19.25 -4.36
CE MSE B 53 -2.29 20.86 -4.90
N ALA B 54 -5.54 16.89 -0.90
CA ALA B 54 -6.93 16.52 -0.75
C ALA B 54 -7.41 16.79 0.68
N GLN B 55 -6.58 16.50 1.67
CA GLN B 55 -6.94 16.73 3.07
C GLN B 55 -7.08 18.21 3.33
N LEU B 56 -6.16 18.99 2.76
CA LEU B 56 -6.18 20.44 2.89
C LEU B 56 -7.33 21.07 2.13
N ALA B 57 -7.62 20.62 0.91
CA ALA B 57 -8.78 21.14 0.17
C ALA B 57 -10.10 20.85 0.91
N ARG B 58 -10.19 19.70 1.58
CA ARG B 58 -11.35 19.39 2.43
C ARG B 58 -11.43 20.32 3.67
N ASN B 59 -10.27 20.84 4.08
CA ASN B 59 -10.13 21.62 5.33
C ASN B 59 -9.51 23.02 5.10
N PRO B 60 -10.30 23.98 4.59
CA PRO B 60 -9.75 25.27 4.11
C PRO B 60 -9.35 26.26 5.22
N ASP B 61 -9.65 25.95 6.48
CA ASP B 61 -9.18 26.72 7.63
C ASP B 61 -7.71 26.44 8.01
N GLY B 62 -7.14 25.38 7.43
CA GLY B 62 -5.77 24.99 7.70
C GLY B 62 -5.68 23.78 8.62
N LEU B 63 -4.59 23.03 8.45
CA LEU B 63 -4.32 21.83 9.24
C LEU B 63 -2.90 21.89 9.77
N SER B 64 -2.73 21.51 11.04
CA SER B 64 -1.42 21.38 11.64
C SER B 64 -0.68 20.18 11.04
N MSE B 65 0.59 20.06 11.37
CA MSE B 65 1.40 18.94 10.92
C MSE B 65 0.87 17.57 11.40
O MSE B 65 0.81 16.63 10.62
CB MSE B 65 2.87 19.14 11.32
CG MSE B 65 3.59 20.23 10.48
SE MSE B 65 3.43 19.96 8.52
CE MSE B 65 3.89 18.07 8.57
N GLY B 66 0.44 17.49 12.66
CA GLY B 66 -0.11 16.26 13.22
C GLY B 66 -1.49 15.90 12.68
N LYS B 67 -2.38 16.89 12.56
CA LYS B 67 -3.72 16.63 12.06
C LYS B 67 -3.73 16.31 10.56
N LEU B 68 -2.84 17.00 9.82
CA LEU B 68 -2.58 16.67 8.42
C LEU B 68 -2.07 15.24 8.27
N SER B 69 -1.04 14.91 9.06
CA SER B 69 -0.42 13.60 9.09
C SER B 69 -1.48 12.54 9.40
N GLY B 70 -2.32 12.85 10.43
CA GLY B 70 -3.39 11.95 10.91
C GLY B 70 -4.48 11.64 9.88
N ALA B 71 -4.61 12.56 8.89
CA ALA B 71 -5.68 12.51 7.88
C ALA B 71 -5.23 11.94 6.54
N LEU B 72 -3.92 11.78 6.36
CA LEU B 72 -3.35 11.21 5.15
C LEU B 72 -3.84 9.77 4.94
N LYS B 73 -4.22 9.46 3.69
CA LYS B 73 -4.66 8.10 3.36
C LYS B 73 -3.49 7.25 2.93
N VAL B 74 -2.45 7.88 2.37
CA VAL B 74 -1.20 7.22 2.07
C VAL B 74 -0.30 7.50 3.28
N THR B 75 0.34 6.49 3.84
CA THR B 75 1.14 6.65 5.05
C THR B 75 2.40 7.52 4.86
N ASN B 76 2.51 8.56 5.69
CA ASN B 76 3.63 9.55 5.70
C ASN B 76 4.02 10.30 4.40
N GLY B 77 5.32 10.28 4.12
CA GLY B 77 5.94 11.08 3.09
C GLY B 77 7.00 11.89 3.81
N ASN B 78 7.38 11.41 5.02
CA ASN B 78 7.97 12.24 6.11
C ASN B 78 7.15 13.52 6.09
N VAL B 79 6.02 13.51 6.80
CA VAL B 79 4.94 14.46 6.55
C VAL B 79 5.42 15.94 6.33
N SER B 80 6.29 16.44 7.22
CA SER B 80 6.83 17.81 7.06
C SER B 80 7.69 17.94 5.80
N GLY B 81 8.48 16.91 5.51
CA GLY B 81 9.24 16.80 4.27
C GLY B 81 8.36 16.73 3.04
N LEU B 82 7.20 16.10 3.18
CA LEU B 82 6.18 16.13 2.15
C LEU B 82 5.59 17.55 1.97
N VAL B 83 5.22 18.18 3.09
CA VAL B 83 4.76 19.58 3.13
C VAL B 83 5.84 20.56 2.59
N ASN B 84 7.10 20.35 2.97
CA ASN B 84 8.21 21.09 2.39
C ASN B 84 8.30 21.06 0.85
N ARG B 85 8.09 19.88 0.24
CA ARG B 85 8.09 19.76 -1.23
C ARG B 85 6.92 20.55 -1.84
N LEU B 86 5.76 20.48 -1.18
CA LEU B 86 4.52 21.18 -1.60
C LEU B 86 4.58 22.70 -1.52
N ILE B 87 5.30 23.19 -0.51
CA ILE B 87 5.59 24.62 -0.33
C ILE B 87 6.52 25.11 -1.45
N LYS B 88 7.58 24.34 -1.72
CA LYS B 88 8.53 24.64 -2.80
C LYS B 88 7.87 24.59 -4.20
N ASP B 89 6.94 23.67 -4.40
CA ASP B 89 6.10 23.60 -5.58
C ASP B 89 5.08 24.76 -5.71
N GLY B 90 4.98 25.61 -4.70
CA GLY B 90 3.94 26.63 -4.62
C GLY B 90 2.51 26.15 -4.44
N MSE B 91 2.32 24.93 -3.88
CA MSE B 91 0.99 24.37 -3.60
C MSE B 91 0.46 24.76 -2.20
O MSE B 91 -0.73 24.90 -2.01
CB MSE B 91 0.98 22.84 -3.73
CG MSE B 91 1.52 22.27 -5.08
SE MSE B 91 0.29 22.58 -6.63
CE MSE B 91 0.93 24.27 -7.38
N VAL B 92 1.37 24.88 -1.23
CA VAL B 92 1.00 25.16 0.16
C VAL B 92 1.65 26.46 0.57
N VAL B 93 0.91 27.29 1.29
CA VAL B 93 1.34 28.65 1.66
C VAL B 93 2.42 28.62 2.75
N LYS B 94 3.48 29.42 2.53
CA LYS B 94 4.48 29.75 3.53
C LYS B 94 4.96 31.18 3.30
N ALA B 95 4.58 32.04 4.24
CA ALA B 95 4.94 33.44 4.25
C ALA B 95 6.32 33.68 4.86
N SER B 103 3.32 27.02 15.78
CA SER B 103 3.43 25.89 14.86
C SER B 103 2.59 26.13 13.61
N PHE B 104 3.00 25.48 12.53
CA PHE B 104 2.49 25.69 11.19
C PHE B 104 1.09 25.11 10.98
N SER B 105 0.22 25.88 10.34
CA SER B 105 -1.05 25.41 9.81
C SER B 105 -0.92 25.48 8.31
N ALA B 106 -1.22 24.38 7.63
CA ALA B 106 -1.03 24.24 6.19
C ALA B 106 -2.32 24.53 5.41
N LYS B 107 -2.19 25.39 4.40
CA LYS B 107 -3.26 25.82 3.52
C LYS B 107 -2.74 25.77 2.09
N LEU B 108 -3.61 25.40 1.16
CA LEU B 108 -3.31 25.47 -0.27
C LEU B 108 -3.25 26.92 -0.75
N THR B 109 -2.21 27.27 -1.51
CA THR B 109 -2.15 28.52 -2.24
C THR B 109 -3.35 28.58 -3.23
N ASP B 110 -3.65 29.74 -3.84
CA ASP B 110 -4.77 29.80 -4.78
C ASP B 110 -4.52 28.86 -5.96
N ALA B 111 -3.28 28.86 -6.44
CA ALA B 111 -2.85 28.01 -7.54
C ALA B 111 -2.77 26.52 -7.16
N GLY B 112 -2.51 26.23 -5.88
CA GLY B 112 -2.54 24.87 -5.37
C GLY B 112 -3.95 24.31 -5.45
N LEU B 113 -4.95 25.14 -5.13
CA LEU B 113 -6.35 24.71 -5.21
C LEU B 113 -6.87 24.51 -6.65
N THR B 114 -6.50 25.39 -7.57
CA THR B 114 -6.74 25.18 -9.01
C THR B 114 -6.09 23.88 -9.52
N THR B 115 -4.83 23.63 -9.16
CA THR B 115 -4.09 22.43 -9.55
C THR B 115 -4.81 21.20 -8.95
N PHE B 116 -5.25 21.31 -7.71
CA PHE B 116 -5.93 20.21 -7.04
C PHE B 116 -7.18 19.74 -7.78
N LYS B 117 -8.03 20.67 -8.20
CA LYS B 117 -9.24 20.35 -8.92
C LYS B 117 -8.95 19.69 -10.28
N GLN B 118 -8.01 20.24 -11.05
CA GLN B 118 -7.57 19.59 -12.29
C GLN B 118 -7.00 18.21 -11.99
N ALA B 119 -6.25 18.06 -10.90
CA ALA B 119 -5.59 16.80 -10.56
C ALA B 119 -6.59 15.75 -10.05
N SER B 120 -7.62 16.27 -9.39
CA SER B 120 -8.73 15.48 -8.88
C SER B 120 -9.52 14.85 -10.04
N GLU B 121 -9.73 15.62 -11.09
CA GLU B 121 -10.39 15.15 -12.31
C GLU B 121 -9.54 14.03 -12.93
N ALA B 122 -8.24 14.30 -13.07
CA ALA B 122 -7.25 13.37 -13.64
C ALA B 122 -7.15 12.06 -12.87
N HIS B 123 -7.13 12.17 -11.55
CA HIS B 123 -7.01 11.05 -10.60
C HIS B 123 -8.18 10.05 -10.76
N ASN B 124 -9.41 10.57 -10.79
CA ASN B 124 -10.62 9.79 -10.93
C ASN B 124 -10.79 9.21 -12.33
N ARG B 125 -10.34 9.93 -13.37
CA ARG B 125 -10.25 9.34 -14.69
C ARG B 125 -9.21 8.18 -14.72
N ILE B 126 -8.02 8.38 -14.16
CA ILE B 126 -6.96 7.35 -14.23
C ILE B 126 -7.41 6.08 -13.51
N LEU B 127 -7.98 6.26 -12.32
CA LEU B 127 -8.47 5.16 -11.52
C LEU B 127 -9.57 4.35 -12.25
N ALA B 128 -10.56 5.09 -12.79
CA ALA B 128 -11.63 4.52 -13.66
C ALA B 128 -11.04 3.72 -14.83
N GLU B 129 -10.07 4.31 -15.51
CA GLU B 129 -9.34 3.61 -16.56
C GLU B 129 -8.60 2.36 -16.07
N LEU B 130 -7.98 2.42 -14.88
CA LEU B 130 -7.27 1.23 -14.36
C LEU B 130 -8.23 0.09 -14.02
N LEU B 131 -9.45 0.45 -13.64
CA LEU B 131 -10.45 -0.47 -13.14
C LEU B 131 -11.53 -0.76 -14.16
N ARG B 132 -11.22 -0.59 -15.44
CA ARG B 132 -12.24 -0.42 -16.47
C ARG B 132 -12.97 -1.71 -16.80
N ALA B 133 -12.35 -2.83 -16.41
CA ALA B 133 -12.89 -4.15 -16.69
C ALA B 133 -13.49 -4.71 -15.42
N VAL B 134 -13.32 -3.98 -14.35
CA VAL B 134 -13.82 -4.45 -13.06
C VAL B 134 -15.34 -4.22 -12.97
N SER B 135 -16.03 -5.25 -12.52
CA SER B 135 -17.46 -5.19 -12.36
C SER B 135 -17.89 -4.42 -11.10
N ASP B 136 -19.00 -3.71 -11.19
CA ASP B 136 -19.59 -3.05 -10.05
C ASP B 136 -19.81 -4.01 -8.88
N GLN B 137 -20.34 -5.21 -9.13
CA GLN B 137 -20.60 -6.17 -8.08
C GLN B 137 -19.35 -6.54 -7.29
N ASP B 138 -18.25 -6.87 -7.99
CA ASP B 138 -17.00 -7.20 -7.30
C ASP B 138 -16.51 -6.06 -6.41
N MSE B 139 -16.65 -4.81 -6.89
CA MSE B 139 -16.22 -3.62 -6.16
C MSE B 139 -17.08 -3.38 -4.92
O MSE B 139 -16.55 -3.13 -3.86
CB MSE B 139 -16.28 -2.37 -7.05
CG MSE B 139 -15.18 -2.28 -8.05
SE MSE B 139 -15.08 -0.51 -8.85
CE MSE B 139 -16.57 -0.63 -10.07
N VAL B 140 -18.42 -3.43 -5.10
CA VAL B 140 -19.39 -3.34 -4.01
C VAL B 140 -19.14 -4.44 -2.96
N GLU B 141 -18.89 -5.67 -3.39
CA GLU B 141 -18.67 -6.79 -2.46
C GLU B 141 -17.32 -6.72 -1.72
N ALA B 142 -16.24 -6.36 -2.44
CA ALA B 142 -14.93 -6.10 -1.82
C ALA B 142 -15.11 -5.00 -0.78
N SER B 143 -15.71 -3.90 -1.19
CA SER B 143 -15.87 -2.82 -0.29
C SER B 143 -16.70 -3.16 0.96
N ALA B 144 -17.84 -3.85 0.81
CA ALA B 144 -18.66 -4.18 1.97
C ALA B 144 -17.91 -5.12 2.94
N ALA B 145 -17.11 -6.03 2.38
CA ALA B 145 -16.27 -6.92 3.19
C ALA B 145 -15.13 -6.16 3.88
N LEU B 146 -14.42 -5.29 3.16
CA LEU B 146 -13.30 -4.55 3.77
C LEU B 146 -13.76 -3.60 4.89
N ARG B 147 -14.89 -2.92 4.67
CA ARG B 147 -15.52 -2.10 5.68
C ARG B 147 -15.87 -2.93 6.92
N GLY B 148 -16.34 -4.18 6.71
CA GLY B 148 -16.61 -5.09 7.82
C GLY B 148 -15.35 -5.42 8.61
N ILE B 149 -14.26 -5.76 7.90
CA ILE B 149 -12.93 -5.99 8.47
C ILE B 149 -12.43 -4.80 9.30
N LEU B 150 -12.51 -3.61 8.71
CA LEU B 150 -12.07 -2.37 9.35
C LEU B 150 -12.83 -2.10 10.63
N GLU B 151 -14.17 -2.14 10.54
N GLU B 151 -14.17 -2.16 10.57
CA GLU B 151 -15.11 -1.95 11.66
CA GLU B 151 -15.02 -1.89 11.71
C GLU B 151 -14.71 -2.83 12.85
C GLU B 151 -14.74 -2.84 12.87
N SER B 152 -14.45 -4.10 12.58
CA SER B 152 -14.18 -5.06 13.65
C SER B 152 -12.76 -4.95 14.21
N MSE B 153 -11.87 -4.30 13.47
CA MSE B 153 -10.55 -3.91 13.95
C MSE B 153 -10.66 -2.62 14.77
O MSE B 153 -9.72 -2.25 15.45
CB MSE B 153 -9.59 -3.69 12.78
CG MSE B 153 -9.05 -4.97 12.20
SE MSE B 153 -7.94 -4.72 10.57
CE MSE B 153 -6.12 -4.56 11.30
N GLN B 154 -11.84 -2.00 14.69
CA GLN B 154 -12.24 -0.77 15.42
C GLN B 154 -11.52 0.45 14.91
#